data_4IRW
#
_entry.id   4IRW
#
_cell.length_a   64.423
_cell.length_b   71.395
_cell.length_c   55.494
_cell.angle_alpha   90.00
_cell.angle_beta   90.00
_cell.angle_gamma   90.00
#
_symmetry.space_group_name_H-M   'C 2 2 2'
#
loop_
_entity.id
_entity.type
_entity.pdbx_description
1 polymer Streptavidin
2 non-polymer 'PYRIDINE-2,6-DICARBOXYLIC ACID'
3 non-polymer BIOTIN
4 non-polymer 'TERBIUM(III) ION'
5 non-polymer 'SODIUM ION'
6 water water
#
_entity_poly.entity_id   1
_entity_poly.type   'polypeptide(L)'
_entity_poly.pdbx_seq_one_letter_code
;GAAEAGITGTWYNQLGSTFIVTAGADGALTGTYESAVGNAESRYVLTGRYDSAPATDGSGTALGWTVAWKNNYRNAHSAT
TWSGQYVGGAEARINTQWLLTSGTTEANAWKSTLVGHDTFTKVKPSAAS
;
_entity_poly.pdbx_strand_id   A
#
# COMPACT_ATOMS: atom_id res chain seq x y z
N GLY A 1 17.80 0.74 9.28
CA GLY A 1 17.23 0.91 10.64
C GLY A 1 16.08 -0.04 10.87
N ALA A 2 15.56 -0.03 12.08
CA ALA A 2 14.52 -0.99 12.47
C ALA A 2 13.26 -0.81 11.64
N ALA A 3 12.88 0.42 11.35
CA ALA A 3 11.66 0.65 10.57
C ALA A 3 11.82 0.08 9.17
N GLU A 4 12.99 0.31 8.59
CA GLU A 4 13.31 -0.16 7.24
C GLU A 4 13.24 -1.67 7.22
N ALA A 5 13.84 -2.32 8.21
CA ALA A 5 13.90 -3.78 8.24
C ALA A 5 12.52 -4.37 8.54
N GLY A 6 11.72 -3.67 9.33
CA GLY A 6 10.40 -4.12 9.69
C GLY A 6 9.43 -4.06 8.53
N ILE A 7 9.47 -2.96 7.79
CA ILE A 7 8.54 -2.78 6.68
C ILE A 7 8.89 -3.68 5.50
N THR A 8 10.16 -3.82 5.20
CA THR A 8 10.60 -4.58 4.04
C THR A 8 10.16 -6.04 4.17
N GLY A 9 9.49 -6.53 3.12
CA GLY A 9 9.06 -7.92 3.10
C GLY A 9 7.86 -8.13 2.21
N THR A 10 7.24 -9.30 2.37
CA THR A 10 6.03 -9.66 1.64
C THR A 10 4.87 -9.71 2.62
N TRP A 11 3.81 -8.99 2.26
CA TRP A 11 2.64 -8.81 3.09
C TRP A 11 1.40 -9.23 2.34
N TYR A 12 0.34 -9.60 3.09
CA TYR A 12 -0.95 -9.96 2.50
C TYR A 12 -2.03 -9.27 3.28
N ASN A 13 -3.09 -8.81 2.62
CA ASN A 13 -4.22 -8.23 3.32
C ASN A 13 -5.40 -9.20 3.46
N GLN A 14 -6.49 -8.70 4.02
CA GLN A 14 -7.62 -9.55 4.35
C GLN A 14 -8.37 -10.06 3.11
N LEU A 15 -8.09 -9.46 1.94
CA LEU A 15 -8.64 -9.91 0.66
C LEU A 15 -7.78 -10.99 -0.01
N GLY A 16 -6.56 -11.19 0.48
CA GLY A 16 -5.63 -12.12 -0.15
C GLY A 16 -4.71 -11.41 -1.15
N SER A 17 -4.75 -10.08 -1.20
CA SER A 17 -3.84 -9.36 -2.06
C SER A 17 -2.42 -9.41 -1.50
N THR A 18 -1.45 -9.24 -2.40
CA THR A 18 -0.03 -9.39 -2.07
C THR A 18 0.72 -8.10 -2.28
N PHE A 19 1.40 -7.67 -1.22
CA PHE A 19 2.12 -6.39 -1.18
C PHE A 19 3.59 -6.72 -0.89
N ILE A 20 4.44 -6.55 -1.89
CA ILE A 20 5.86 -6.82 -1.77
C ILE A 20 6.60 -5.49 -1.81
N VAL A 21 7.35 -5.19 -0.75
CA VAL A 21 7.90 -3.84 -0.59
C VAL A 21 9.31 -3.87 -0.05
N THR A 22 10.11 -2.91 -0.51
CA THR A 22 11.42 -2.65 0.04
C THR A 22 11.47 -1.19 0.50
N ALA A 23 11.86 -1.02 1.75
CA ALA A 23 11.99 0.30 2.35
C ALA A 23 13.45 0.72 2.25
N GLY A 24 13.65 1.92 1.75
CA GLY A 24 14.98 2.44 1.49
C GLY A 24 15.44 3.18 2.71
N ALA A 25 16.73 3.51 2.73
CA ALA A 25 17.37 3.99 3.93
C ALA A 25 16.81 5.31 4.46
N ASP A 26 16.29 6.17 3.58
CA ASP A 26 15.88 7.52 3.98
C ASP A 26 14.43 7.89 3.64
N GLY A 27 13.59 6.88 3.44
CA GLY A 27 12.16 7.13 3.36
C GLY A 27 11.45 6.60 2.14
N ALA A 28 12.16 5.98 1.21
CA ALA A 28 11.54 5.48 -0.01
C ALA A 28 10.89 4.12 0.21
N LEU A 29 9.76 3.90 -0.49
CA LEU A 29 9.16 2.57 -0.62
C LEU A 29 9.04 2.25 -2.09
N THR A 30 9.42 1.03 -2.44
CA THR A 30 9.28 0.54 -3.81
CA THR A 30 9.30 0.54 -3.81
C THR A 30 8.87 -0.92 -3.77
N GLY A 31 8.15 -1.38 -4.78
CA GLY A 31 7.80 -2.78 -4.85
C GLY A 31 6.68 -3.07 -5.82
N THR A 32 5.89 -4.09 -5.48
CA THR A 32 4.79 -4.49 -6.36
C THR A 32 3.55 -4.82 -5.56
N TYR A 33 2.41 -4.70 -6.22
CA TYR A 33 1.12 -4.99 -5.61
C TYR A 33 0.31 -5.85 -6.55
N GLU A 34 -0.31 -6.91 -6.00
CA GLU A 34 -1.21 -7.75 -6.76
C GLU A 34 -2.52 -7.83 -6.00
N SER A 35 -3.61 -7.42 -6.66
CA SER A 35 -4.91 -7.42 -6.01
C SER A 35 -5.67 -8.71 -6.27
N ALA A 36 -6.26 -9.25 -5.20
CA ALA A 36 -7.13 -10.41 -5.33
C ALA A 36 -8.50 -10.07 -5.92
N VAL A 37 -8.81 -8.76 -6.01
CA VAL A 37 -10.12 -8.31 -6.48
C VAL A 37 -10.02 -7.14 -7.46
N GLY A 38 -11.10 -6.93 -8.20
CA GLY A 38 -11.19 -5.80 -9.09
C GLY A 38 -10.61 -6.04 -10.46
N ASN A 39 -10.47 -4.93 -11.19
CA ASN A 39 -10.03 -4.96 -12.57
C ASN A 39 -8.51 -4.92 -12.56
N ALA A 40 -7.95 -6.10 -12.33
CA ALA A 40 -6.52 -6.25 -12.08
C ALA A 40 -6.03 -7.64 -12.42
N GLU A 41 -4.82 -7.71 -12.98
CA GLU A 41 -4.18 -8.97 -13.33
C GLU A 41 -2.68 -8.82 -13.15
N SER A 42 -2.06 -9.83 -12.55
CA SER A 42 -0.62 -9.84 -12.31
C SER A 42 -0.21 -8.73 -11.33
N ARG A 43 1.06 -8.35 -11.36
CA ARG A 43 1.65 -7.37 -10.44
C ARG A 43 1.71 -6.00 -11.05
N TYR A 44 1.60 -5.00 -10.18
CA TYR A 44 1.69 -3.59 -10.56
C TYR A 44 2.75 -2.91 -9.73
N VAL A 45 3.45 -1.98 -10.34
CA VAL A 45 4.45 -1.19 -9.65
C VAL A 45 3.83 -0.31 -8.56
N LEU A 46 4.51 -0.20 -7.43
CA LEU A 46 4.13 0.77 -6.41
C LEU A 46 5.34 1.58 -5.98
N THR A 47 5.08 2.79 -5.52
N THR A 47 5.09 2.81 -5.56
CA THR A 47 6.10 3.62 -4.90
C THR A 47 5.44 4.39 -3.77
N GLY A 48 6.22 4.74 -2.76
CA GLY A 48 5.67 5.47 -1.65
C GLY A 48 6.75 5.99 -0.74
N ARG A 49 6.35 6.38 0.47
CA ARG A 49 7.24 7.01 1.43
C ARG A 49 6.88 6.51 2.82
N TYR A 50 7.89 6.48 3.69
CA TYR A 50 7.64 6.19 5.10
C TYR A 50 8.52 7.10 5.96
N ASP A 51 8.13 7.26 7.22
CA ASP A 51 8.93 7.96 8.21
C ASP A 51 10.14 7.10 8.58
N SER A 52 11.33 7.51 8.14
CA SER A 52 12.54 6.73 8.38
C SER A 52 13.21 7.01 9.73
N ALA A 53 12.59 7.84 10.56
CA ALA A 53 13.05 8.02 11.93
C ALA A 53 11.82 8.19 12.82
N PRO A 54 11.02 7.13 12.95
CA PRO A 54 9.78 7.21 13.72
C PRO A 54 10.08 7.46 15.20
N ALA A 55 9.10 7.99 15.92
CA ALA A 55 9.25 8.22 17.35
C ALA A 55 9.33 6.88 18.02
N THR A 56 10.22 6.76 18.98
CA THR A 56 10.35 5.51 19.71
C THR A 56 9.59 5.56 21.03
N ASP A 57 8.45 6.25 21.02
CA ASP A 57 7.61 6.41 22.22
C ASP A 57 6.42 5.44 22.27
N GLY A 58 6.44 4.41 21.43
CA GLY A 58 5.32 3.48 21.34
C GLY A 58 4.43 3.70 20.11
N SER A 59 4.68 4.78 19.40
CA SER A 59 3.89 5.07 18.22
C SER A 59 4.27 4.15 17.06
N GLY A 60 3.32 3.92 16.16
CA GLY A 60 3.61 3.27 14.90
C GLY A 60 4.42 4.16 13.97
N THR A 61 4.78 3.58 12.84
CA THR A 61 5.58 4.24 11.81
C THR A 61 4.68 4.60 10.62
N ALA A 62 4.53 5.89 10.36
CA ALA A 62 3.66 6.37 9.30
C ALA A 62 4.24 6.06 7.93
N LEU A 63 3.35 5.67 7.01
CA LEU A 63 3.76 5.37 5.64
C LEU A 63 2.58 5.50 4.67
N GLY A 64 2.89 5.52 3.39
CA GLY A 64 1.87 5.52 2.36
C GLY A 64 2.46 5.05 1.03
N TRP A 65 1.62 4.56 0.13
CA TRP A 65 2.09 4.22 -1.20
C TRP A 65 0.96 4.30 -2.20
N THR A 66 1.34 4.33 -3.47
CA THR A 66 0.39 4.45 -4.57
C THR A 66 0.60 3.33 -5.55
N VAL A 67 -0.50 2.82 -6.12
CA VAL A 67 -0.48 1.97 -7.31
C VAL A 67 -1.36 2.61 -8.37
N ALA A 68 -0.83 2.79 -9.58
CA ALA A 68 -1.63 3.09 -10.77
C ALA A 68 -1.88 1.77 -11.47
N TRP A 69 -3.15 1.49 -11.78
CA TRP A 69 -3.56 0.16 -12.18
C TRP A 69 -3.41 -0.08 -13.67
N LYS A 70 -2.19 0.17 -14.15
CA LYS A 70 -1.77 -0.13 -15.51
C LYS A 70 -0.51 -0.97 -15.45
N ASN A 71 -0.51 -2.08 -16.17
CA ASN A 71 0.69 -2.89 -16.37
C ASN A 71 0.67 -3.46 -17.79
N ASN A 72 1.46 -4.49 -18.07
CA ASN A 72 1.48 -5.02 -19.44
C ASN A 72 0.25 -5.81 -19.82
N TYR A 73 -0.61 -6.12 -18.86
CA TYR A 73 -1.79 -6.97 -19.09
C TYR A 73 -3.11 -6.20 -19.16
N ARG A 74 -3.21 -5.12 -18.40
CA ARG A 74 -4.49 -4.43 -18.23
C ARG A 74 -4.25 -3.00 -17.79
N ASN A 75 -5.26 -2.17 -18.04
CA ASN A 75 -5.26 -0.80 -17.55
C ASN A 75 -6.68 -0.44 -17.14
N ALA A 76 -6.87 -0.30 -15.83
CA ALA A 76 -8.18 0.03 -15.27
C ALA A 76 -8.45 1.53 -15.18
N HIS A 77 -7.47 2.34 -15.57
CA HIS A 77 -7.60 3.80 -15.57
C HIS A 77 -8.00 4.29 -14.18
N SER A 78 -7.17 3.90 -13.21
CA SER A 78 -7.44 4.19 -11.81
C SER A 78 -6.14 4.13 -11.02
N ALA A 79 -6.19 4.66 -9.81
CA ALA A 79 -5.04 4.63 -8.91
C ALA A 79 -5.54 4.52 -7.48
N THR A 80 -4.85 3.70 -6.69
CA THR A 80 -5.14 3.61 -5.27
C THR A 80 -3.97 4.15 -4.46
N THR A 81 -4.28 4.91 -3.41
CA THR A 81 -3.27 5.25 -2.41
C THR A 81 -3.67 4.67 -1.08
N TRP A 82 -2.70 4.08 -0.38
CA TRP A 82 -2.89 3.56 0.97
C TRP A 82 -2.10 4.45 1.91
N SER A 83 -2.75 4.84 3.02
CA SER A 83 -2.15 5.68 4.02
C SER A 83 -2.30 4.96 5.36
N GLY A 84 -1.23 4.83 6.13
CA GLY A 84 -1.35 4.06 7.35
C GLY A 84 -0.13 4.07 8.23
N GLN A 85 -0.03 3.04 9.08
CA GLN A 85 1.12 2.90 9.94
C GLN A 85 1.51 1.44 10.13
N TYR A 86 2.82 1.28 10.31
CA TYR A 86 3.44 -0.01 10.58
C TYR A 86 3.60 -0.16 12.08
N VAL A 87 3.19 -1.33 12.59
CA VAL A 87 3.43 -1.74 13.96
C VAL A 87 4.21 -3.06 13.92
N GLY A 88 5.29 -3.15 14.68
CA GLY A 88 6.14 -4.32 14.65
C GLY A 88 5.77 -5.36 15.67
N GLY A 89 6.78 -6.00 16.23
CA GLY A 89 6.58 -7.13 17.11
C GLY A 89 6.49 -8.44 16.35
N ALA A 90 6.10 -9.48 17.08
CA ALA A 90 6.12 -10.83 16.55
C ALA A 90 5.08 -11.04 15.47
N GLU A 91 3.99 -10.28 15.56
CA GLU A 91 2.91 -10.35 14.58
C GLU A 91 2.76 -8.95 14.02
N ALA A 92 3.71 -8.57 13.18
CA ALA A 92 3.75 -7.22 12.62
C ALA A 92 2.55 -6.97 11.74
N ARG A 93 2.16 -5.70 11.63
CA ARG A 93 0.95 -5.36 10.92
C ARG A 93 1.15 -4.00 10.26
N ILE A 94 0.57 -3.82 9.09
CA ILE A 94 0.44 -2.48 8.51
C ILE A 94 -1.07 -2.23 8.41
N ASN A 95 -1.55 -1.23 9.15
CA ASN A 95 -2.96 -0.86 9.15
C ASN A 95 -3.17 0.37 8.30
N THR A 96 -4.05 0.29 7.30
CA THR A 96 -4.23 1.35 6.32
C THR A 96 -5.68 1.70 6.07
N GLN A 97 -5.85 2.92 5.57
CA GLN A 97 -7.06 3.32 4.87
C GLN A 97 -6.61 3.68 3.46
N TRP A 98 -7.52 3.55 2.50
CA TRP A 98 -7.14 3.79 1.12
C TRP A 98 -8.21 4.54 0.35
N LEU A 99 -7.75 5.16 -0.72
CA LEU A 99 -8.59 5.94 -1.64
C LEU A 99 -8.27 5.45 -3.03
N LEU A 100 -9.29 5.00 -3.76
CA LEU A 100 -9.14 4.53 -5.13
C LEU A 100 -9.89 5.49 -6.03
N THR A 101 -9.16 6.24 -6.85
CA THR A 101 -9.78 7.17 -7.78
C THR A 101 -9.73 6.62 -9.20
N SER A 102 -10.88 6.57 -9.87
CA SER A 102 -10.96 6.22 -11.28
C SER A 102 -11.01 7.49 -12.13
N GLY A 103 -10.37 7.47 -13.28
CA GLY A 103 -10.57 8.54 -14.24
C GLY A 103 -12.03 8.56 -14.64
N THR A 104 -12.66 9.73 -14.55
CA THR A 104 -14.05 9.92 -14.90
C THR A 104 -14.22 11.22 -15.68
N THR A 105 -15.38 11.39 -16.27
CA THR A 105 -15.77 12.68 -16.77
C THR A 105 -16.06 13.61 -15.58
N GLU A 106 -16.12 14.91 -15.82
CA GLU A 106 -16.49 15.81 -14.73
C GLU A 106 -17.90 15.50 -14.23
N ALA A 107 -18.82 15.21 -15.13
CA ALA A 107 -20.21 14.94 -14.71
C ALA A 107 -20.28 13.75 -13.75
N ASN A 108 -19.34 12.81 -13.87
CA ASN A 108 -19.34 11.62 -13.02
C ASN A 108 -18.31 11.67 -11.90
N ALA A 109 -17.63 12.80 -11.74
CA ALA A 109 -16.55 12.90 -10.77
C ALA A 109 -17.02 12.68 -9.33
N TRP A 110 -18.29 12.98 -9.06
CA TRP A 110 -18.81 12.78 -7.71
C TRP A 110 -18.70 11.33 -7.28
N LYS A 111 -18.66 10.41 -8.25
CA LYS A 111 -18.56 8.98 -7.94
C LYS A 111 -17.22 8.41 -8.40
N SER A 112 -16.19 9.24 -8.41
CA SER A 112 -14.87 8.81 -8.88
C SER A 112 -14.04 8.04 -7.84
N THR A 113 -14.37 8.19 -6.55
CA THR A 113 -13.45 7.77 -5.50
C THR A 113 -14.07 6.82 -4.48
N LEU A 114 -13.51 5.62 -4.39
CA LEU A 114 -13.88 4.67 -3.36
C LEU A 114 -12.93 4.81 -2.17
N VAL A 115 -13.43 4.48 -0.98
CA VAL A 115 -12.64 4.48 0.24
C VAL A 115 -12.81 3.14 0.95
N GLY A 116 -11.75 2.67 1.57
CA GLY A 116 -11.81 1.44 2.31
C GLY A 116 -10.63 1.33 3.26
N HIS A 117 -10.43 0.14 3.81
CA HIS A 117 -9.36 -0.06 4.77
C HIS A 117 -8.84 -1.48 4.60
N ASP A 118 -7.52 -1.59 4.62
CA ASP A 118 -6.84 -2.87 4.48
C ASP A 118 -5.87 -3.05 5.64
N THR A 119 -5.83 -4.24 6.18
CA THR A 119 -4.84 -4.60 7.18
CA THR A 119 -4.85 -4.64 7.19
C THR A 119 -3.97 -5.74 6.63
N PHE A 120 -2.65 -5.52 6.72
CA PHE A 120 -1.66 -6.41 6.13
C PHE A 120 -0.87 -7.12 7.23
N THR A 121 -0.62 -8.40 7.05
CA THR A 121 0.29 -9.13 7.92
CA THR A 121 0.29 -9.13 7.92
C THR A 121 1.33 -9.84 7.07
N LYS A 122 2.42 -10.28 7.68
CA LYS A 122 3.45 -11.00 6.91
C LYS A 122 3.10 -12.48 6.69
N VAL A 123 1.94 -12.91 7.20
CA VAL A 123 1.44 -14.28 7.01
C VAL A 123 0.60 -14.42 5.73
#